data_4PH3
#
_entry.id   4PH3
#
_cell.length_a   65.613
_cell.length_b   66.242
_cell.length_c   81.355
_cell.angle_alpha   90.000
_cell.angle_beta   90.000
_cell.angle_gamma   90.000
#
_symmetry.space_group_name_H-M   'P 21 21 21'
#
loop_
_entity.id
_entity.type
_entity.pdbx_description
1 polymer 'BLV capsid'
2 non-polymer 'IODIDE ION'
3 non-polymer GLYCEROL
4 water water
#
_entity_poly.entity_id   1
_entity_poly.type   'polypeptide(L)'
_entity_poly.pdbx_seq_one_letter_code
;LPIISEGNRNRHRAWALRELQDIKKEIENKAPGSQVWIQTLRLAILQADPTPADLEQL(CSO)QYIASPVDQTAHMTSLT
AAIAAAEAANTLQGFNPQNGTLTQQSAQPNAGDLRSQYQNLWLQAWKNLPTRP
;
_entity_poly.pdbx_strand_id   A,B
#
loop_
_chem_comp.id
_chem_comp.type
_chem_comp.name
_chem_comp.formula
GOL non-polymer GLYCEROL 'C3 H8 O3'
IOD non-polymer 'IODIDE ION' 'I -1'
#
# COMPACT_ATOMS: atom_id res chain seq x y z
N ARG A 13 13.62 2.85 19.27
CA ARG A 13 13.67 2.24 17.94
C ARG A 13 12.28 1.72 17.50
N ALA A 14 11.88 2.01 16.27
CA ALA A 14 10.58 1.64 15.69
C ALA A 14 10.41 0.14 15.43
N TRP A 15 11.51 -0.53 15.09
CA TRP A 15 11.50 -1.94 14.76
C TRP A 15 12.49 -2.70 15.60
N ALA A 16 12.16 -3.97 15.90
CA ALA A 16 13.11 -4.85 16.59
C ALA A 16 13.88 -5.54 15.49
N LEU A 17 15.05 -6.12 15.79
CA LEU A 17 15.86 -6.85 14.81
C LEU A 17 15.02 -7.88 14.03
N ARG A 18 14.13 -8.64 14.71
CA ARG A 18 13.26 -9.63 14.06
C ARG A 18 12.34 -9.02 12.98
N GLU A 19 11.76 -7.83 13.25
CA GLU A 19 10.89 -7.12 12.33
C GLU A 19 11.66 -6.61 11.11
N LEU A 20 12.92 -6.18 11.31
CA LEU A 20 13.79 -5.73 10.21
C LEU A 20 14.10 -6.91 9.29
N GLN A 21 14.43 -8.08 9.88
CA GLN A 21 14.70 -9.36 9.20
C GLN A 21 13.49 -9.83 8.43
N ASP A 22 12.29 -9.69 9.03
CA ASP A 22 11.02 -10.07 8.40
C ASP A 22 10.69 -9.20 7.21
N ILE A 23 10.87 -7.86 7.31
CA ILE A 23 10.61 -6.94 6.19
C ILE A 23 11.55 -7.36 5.04
N LYS A 24 12.84 -7.55 5.37
CA LYS A 24 13.87 -7.95 4.43
C LYS A 24 13.51 -9.25 3.69
N LYS A 25 13.11 -10.32 4.43
CA LYS A 25 12.74 -11.61 3.83
C LYS A 25 11.55 -11.50 2.87
N GLU A 26 10.57 -10.65 3.21
CA GLU A 26 9.40 -10.44 2.36
C GLU A 26 9.68 -9.73 1.07
N ILE A 27 10.68 -8.83 1.04
CA ILE A 27 11.00 -8.10 -0.19
C ILE A 27 12.28 -8.49 -0.95
N GLU A 28 12.98 -9.54 -0.50
CA GLU A 28 14.23 -9.98 -1.14
C GLU A 28 14.10 -10.45 -2.62
N ASN A 29 12.91 -10.97 -2.99
CA ASN A 29 12.59 -11.44 -4.35
C ASN A 29 11.81 -10.35 -5.12
N LYS A 30 11.91 -9.10 -4.66
CA LYS A 30 11.24 -7.94 -5.26
C LYS A 30 12.22 -6.84 -5.58
N ALA A 31 12.05 -6.21 -6.73
CA ALA A 31 12.93 -5.16 -7.18
C ALA A 31 12.65 -3.84 -6.45
N PRO A 32 13.69 -3.09 -6.01
CA PRO A 32 13.41 -1.77 -5.39
C PRO A 32 12.61 -0.90 -6.34
N GLY A 33 11.57 -0.25 -5.81
CA GLY A 33 10.71 0.61 -6.61
C GLY A 33 9.54 -0.08 -7.32
N SER A 34 9.44 -1.42 -7.20
CA SER A 34 8.33 -2.21 -7.77
C SER A 34 7.12 -2.05 -6.82
N GLN A 35 5.90 -2.43 -7.26
CA GLN A 35 4.68 -2.26 -6.46
C GLN A 35 4.69 -2.93 -5.09
N VAL A 36 5.01 -4.23 -5.04
CA VAL A 36 5.01 -5.05 -3.82
C VAL A 36 6.04 -4.55 -2.80
N TRP A 37 7.22 -4.18 -3.31
CA TRP A 37 8.34 -3.66 -2.53
C TRP A 37 7.92 -2.37 -1.81
N ILE A 38 7.39 -1.39 -2.56
CA ILE A 38 6.88 -0.10 -2.05
C ILE A 38 5.73 -0.33 -1.07
N GLN A 39 4.72 -1.18 -1.47
CA GLN A 39 3.55 -1.49 -0.63
C GLN A 39 3.90 -2.16 0.69
N THR A 40 4.91 -3.05 0.70
CA THR A 40 5.36 -3.70 1.95
C THR A 40 5.93 -2.63 2.85
N LEU A 41 6.74 -1.71 2.30
CA LEU A 41 7.34 -0.63 3.10
C LEU A 41 6.30 0.34 3.60
N ARG A 42 5.30 0.70 2.75
CA ARG A 42 4.18 1.58 3.09
C ARG A 42 3.45 1.02 4.33
N LEU A 43 3.15 -0.29 4.33
CA LEU A 43 2.50 -0.98 5.45
C LEU A 43 3.37 -0.96 6.71
N ALA A 44 4.68 -1.27 6.58
CA ALA A 44 5.61 -1.25 7.72
C ALA A 44 5.74 0.18 8.30
N ILE A 45 5.79 1.20 7.44
CA ILE A 45 5.87 2.59 7.86
C ILE A 45 4.61 3.01 8.65
N LEU A 46 3.41 2.70 8.12
CA LEU A 46 2.14 2.97 8.79
C LEU A 46 2.02 2.34 10.16
N GLN A 47 2.49 1.09 10.30
CA GLN A 47 2.42 0.34 11.56
C GLN A 47 3.41 0.81 12.62
N ALA A 48 4.65 1.16 12.22
CA ALA A 48 5.70 1.51 13.18
C ALA A 48 6.02 2.97 13.37
N ASP A 49 5.55 3.86 12.46
CA ASP A 49 5.83 5.30 12.49
C ASP A 49 7.36 5.61 12.59
N PRO A 50 8.19 5.14 11.64
CA PRO A 50 9.65 5.37 11.76
C PRO A 50 10.10 6.82 11.59
N THR A 51 11.21 7.16 12.27
CA THR A 51 11.90 8.44 12.16
C THR A 51 12.90 8.32 10.97
N PRO A 52 13.50 9.42 10.45
CA PRO A 52 14.54 9.27 9.42
C PRO A 52 15.65 8.26 9.79
N ALA A 53 15.97 8.15 11.11
CA ALA A 53 17.03 7.26 11.60
C ALA A 53 16.61 5.78 11.52
N ASP A 54 15.33 5.48 11.82
CA ASP A 54 14.79 4.12 11.73
C ASP A 54 14.82 3.68 10.29
N LEU A 55 14.46 4.61 9.37
CA LEU A 55 14.43 4.38 7.94
C LEU A 55 15.84 4.12 7.40
N GLU A 56 16.86 4.85 7.91
CA GLU A 56 18.27 4.69 7.56
C GLU A 56 18.77 3.31 8.00
N GLN A 57 18.28 2.82 9.15
CA GLN A 57 18.63 1.49 9.64
C GLN A 57 17.99 0.43 8.77
N LEU A 58 16.70 0.61 8.41
CA LEU A 58 15.96 -0.30 7.53
C LEU A 58 16.65 -0.46 6.15
N CSO A 59 17.20 0.65 5.60
N CSO A 59 17.18 0.65 5.61
CA CSO A 59 17.90 0.65 4.33
CA CSO A 59 17.90 0.68 4.32
CB CSO A 59 18.53 2.01 4.10
CB CSO A 59 18.37 2.11 4.02
SG CSO A 59 17.26 3.23 3.82
SG CSO A 59 17.72 2.86 2.49
C CSO A 59 19.08 -0.32 4.29
C CSO A 59 19.10 -0.29 4.28
O CSO A 59 19.34 -0.92 3.25
O CSO A 59 19.37 -0.86 3.23
OD CSO A 59 18.21 4.41 3.81
OD CSO A 59 17.96 4.26 2.99
N GLN A 60 19.78 -0.48 5.43
CA GLN A 60 20.93 -1.41 5.58
C GLN A 60 20.52 -2.88 5.33
N TYR A 61 19.24 -3.22 5.57
CA TYR A 61 18.68 -4.55 5.38
C TYR A 61 18.18 -4.77 3.96
N ILE A 62 17.46 -3.78 3.41
CA ILE A 62 16.74 -3.86 2.12
C ILE A 62 17.42 -3.33 0.86
N ALA A 63 18.37 -2.40 0.97
CA ALA A 63 18.98 -1.80 -0.21
C ALA A 63 20.47 -1.90 -0.26
N SER A 64 20.97 -2.21 -1.47
CA SER A 64 22.41 -2.24 -1.75
C SER A 64 22.92 -0.80 -1.69
N PRO A 65 24.21 -0.56 -1.36
CA PRO A 65 24.71 0.84 -1.31
C PRO A 65 24.42 1.67 -2.57
N VAL A 66 24.45 1.05 -3.77
CA VAL A 66 24.17 1.72 -5.04
C VAL A 66 22.73 2.28 -5.07
N ASP A 67 21.78 1.49 -4.55
CA ASP A 67 20.38 1.86 -4.44
C ASP A 67 20.13 2.90 -3.36
N GLN A 68 20.84 2.81 -2.22
CA GLN A 68 20.73 3.79 -1.12
C GLN A 68 21.13 5.16 -1.61
N THR A 69 22.27 5.23 -2.32
CA THR A 69 22.84 6.42 -2.92
C THR A 69 21.86 7.07 -3.89
N ALA A 70 21.32 6.30 -4.86
CA ALA A 70 20.32 6.77 -5.84
C ALA A 70 19.06 7.22 -5.10
N HIS A 71 18.62 6.45 -4.11
CA HIS A 71 17.43 6.83 -3.33
C HIS A 71 17.62 8.13 -2.56
N MET A 72 18.72 8.25 -1.80
N MET A 72 18.73 8.26 -1.81
CA MET A 72 18.98 9.46 -1.01
CA MET A 72 19.03 9.45 -1.02
C MET A 72 19.18 10.72 -1.86
C MET A 72 19.11 10.70 -1.89
N THR A 73 19.70 10.60 -3.11
CA THR A 73 19.85 11.71 -4.06
C THR A 73 18.45 12.13 -4.51
N SER A 74 17.58 11.16 -4.81
CA SER A 74 16.20 11.35 -5.26
C SER A 74 15.36 12.00 -4.13
N LEU A 75 15.53 11.53 -2.90
CA LEU A 75 14.82 12.05 -1.73
C LEU A 75 15.23 13.51 -1.41
N THR A 76 16.55 13.80 -1.47
CA THR A 76 17.10 15.14 -1.23
C THR A 76 16.50 16.16 -2.21
N ALA A 77 16.41 15.79 -3.50
CA ALA A 77 15.84 16.64 -4.55
C ALA A 77 14.34 16.85 -4.31
N ALA A 78 13.60 15.79 -3.89
CA ALA A 78 12.15 15.85 -3.59
C ALA A 78 11.83 16.76 -2.40
N ILE A 79 12.66 16.73 -1.33
CA ILE A 79 12.49 17.59 -0.17
C ILE A 79 12.66 19.04 -0.66
N ALA A 80 13.77 19.32 -1.38
CA ALA A 80 14.05 20.65 -1.94
C ALA A 80 12.92 21.10 -2.85
N ALA A 81 12.43 20.23 -3.77
CA ALA A 81 11.32 20.54 -4.67
C ALA A 81 10.03 20.89 -3.92
N ALA A 82 9.70 20.13 -2.84
CA ALA A 82 8.51 20.35 -2.03
C ALA A 82 8.60 21.68 -1.29
N GLU A 83 9.82 22.03 -0.77
CA GLU A 83 10.07 23.26 -0.05
C GLU A 83 9.95 24.50 -0.96
N ALA A 84 10.49 24.40 -2.18
CA ALA A 84 10.41 25.44 -3.21
C ALA A 84 8.98 25.65 -3.70
N ALA A 85 8.18 24.57 -3.73
CA ALA A 85 6.79 24.57 -4.19
C ALA A 85 5.80 24.92 -3.08
N ASN A 86 6.29 25.02 -1.82
CA ASN A 86 5.50 25.33 -0.63
C ASN A 86 4.42 24.28 -0.29
N THR A 87 4.67 23.02 -0.68
CA THR A 87 3.73 21.93 -0.46
C THR A 87 3.81 21.25 0.90
N LEU A 88 4.87 21.52 1.69
CA LEU A 88 4.97 20.92 3.01
C LEU A 88 4.04 21.66 3.97
N GLN A 89 3.26 20.90 4.74
CA GLN A 89 2.35 21.47 5.74
C GLN A 89 3.01 21.50 7.11
N GLY A 90 3.00 22.68 7.72
CA GLY A 90 3.55 22.88 9.06
C GLY A 90 5.05 22.89 9.12
N PHE A 91 5.69 23.23 7.98
CA PHE A 91 7.15 23.28 7.94
C PHE A 91 7.70 24.70 8.10
N ASN A 92 8.43 24.92 9.19
CA ASN A 92 9.10 26.17 9.46
C ASN A 92 10.60 25.84 9.34
N PRO A 93 11.30 26.26 8.25
CA PRO A 93 12.72 25.91 8.10
C PRO A 93 13.62 26.50 9.18
N GLN A 94 13.13 27.53 9.90
CA GLN A 94 13.88 28.15 10.98
C GLN A 94 14.07 27.18 12.15
N ASN A 95 13.17 26.19 12.30
CA ASN A 95 13.33 25.17 13.35
C ASN A 95 14.20 23.95 12.92
N GLY A 96 14.90 24.08 11.80
CA GLY A 96 15.74 23.01 11.25
C GLY A 96 15.17 22.36 10.01
N THR A 97 15.91 21.40 9.43
CA THR A 97 15.53 20.64 8.23
C THR A 97 14.37 19.70 8.49
N LEU A 98 13.74 19.21 7.41
CA LEU A 98 12.64 18.25 7.53
C LEU A 98 13.12 16.97 8.22
N THR A 99 14.36 16.54 7.91
CA THR A 99 15.01 15.35 8.48
C THR A 99 15.19 15.50 10.00
N GLN A 100 15.74 16.65 10.43
CA GLN A 100 15.99 16.96 11.84
C GLN A 100 14.68 17.09 12.61
N GLN A 101 13.67 17.76 12.03
CA GLN A 101 12.39 17.98 12.70
C GLN A 101 11.56 16.70 12.82
N SER A 102 11.63 15.82 11.80
CA SER A 102 10.92 14.52 11.77
C SER A 102 11.42 13.52 12.85
N ALA A 103 12.62 13.77 13.41
CA ALA A 103 13.27 12.96 14.45
C ALA A 103 12.66 13.17 15.84
N GLN A 104 11.87 14.25 16.03
CA GLN A 104 11.26 14.57 17.33
C GLN A 104 9.86 13.96 17.49
N PRO A 105 9.59 13.28 18.65
CA PRO A 105 8.31 12.56 18.83
C PRO A 105 7.00 13.26 18.49
N ASN A 106 6.87 14.52 18.95
CA ASN A 106 5.64 15.29 18.72
C ASN A 106 5.42 15.77 17.29
N ALA A 107 6.49 15.72 16.45
CA ALA A 107 6.48 16.15 15.05
C ALA A 107 5.94 15.10 14.02
N GLY A 108 4.88 14.37 14.41
CA GLY A 108 4.23 13.34 13.61
C GLY A 108 3.77 13.76 12.23
N ASP A 109 3.29 15.00 12.08
CA ASP A 109 2.80 15.50 10.79
C ASP A 109 3.94 15.71 9.80
N LEU A 110 5.08 16.24 10.27
CA LEU A 110 6.26 16.44 9.42
C LEU A 110 6.87 15.06 9.06
N ARG A 111 7.01 14.17 10.07
CA ARG A 111 7.53 12.81 9.94
C ARG A 111 6.73 12.02 8.91
N SER A 112 5.40 12.12 8.97
CA SER A 112 4.47 11.47 8.02
C SER A 112 4.75 11.96 6.60
N GLN A 113 5.10 13.23 6.42
CA GLN A 113 5.44 13.80 5.11
C GLN A 113 6.81 13.31 4.64
N TYR A 114 7.82 13.24 5.54
CA TYR A 114 9.15 12.70 5.26
C TYR A 114 8.99 11.25 4.74
N GLN A 115 8.21 10.42 5.48
CA GLN A 115 7.95 9.01 5.18
C GLN A 115 7.35 8.86 3.80
N ASN A 116 6.42 9.77 3.42
CA ASN A 116 5.79 9.71 2.09
C ASN A 116 6.81 10.01 1.01
N LEU A 117 7.61 11.07 1.19
CA LEU A 117 8.66 11.45 0.24
C LEU A 117 9.74 10.34 0.16
N TRP A 118 10.12 9.73 1.32
CA TRP A 118 11.10 8.64 1.41
C TRP A 118 10.60 7.47 0.57
N LEU A 119 9.29 7.17 0.67
CA LEU A 119 8.67 6.10 -0.08
C LEU A 119 8.56 6.37 -1.59
N GLN A 120 8.07 7.56 -2.00
CA GLN A 120 7.94 7.95 -3.41
C GLN A 120 9.29 8.01 -4.13
N ALA A 121 10.38 8.39 -3.41
CA ALA A 121 11.74 8.50 -3.96
C ALA A 121 12.27 7.15 -4.49
N TRP A 122 11.72 6.02 -3.99
CA TRP A 122 12.09 4.68 -4.44
C TRP A 122 11.55 4.41 -5.83
N LYS A 123 10.42 5.06 -6.21
CA LYS A 123 9.83 4.90 -7.56
C LYS A 123 10.70 5.63 -8.59
N ASN A 124 11.21 6.81 -8.21
CA ASN A 124 12.00 7.72 -9.04
C ASN A 124 13.52 7.42 -9.08
N LEU A 125 13.87 6.13 -9.30
CA LEU A 125 15.27 5.71 -9.37
C LEU A 125 15.76 5.62 -10.81
N PRO A 126 16.88 6.32 -11.16
CA PRO A 126 17.42 6.23 -12.53
C PRO A 126 17.79 4.79 -12.93
N THR A 127 17.11 4.28 -13.98
CA THR A 127 17.27 2.92 -14.51
C THR A 127 17.36 2.94 -16.05
N HIS B 12 -8.48 -22.92 -8.92
CA HIS B 12 -7.10 -22.70 -8.49
C HIS B 12 -7.02 -21.49 -7.53
N ARG B 13 -7.40 -21.74 -6.26
CA ARG B 13 -7.51 -20.77 -5.15
C ARG B 13 -6.24 -19.97 -4.89
N ALA B 14 -6.37 -18.64 -4.74
CA ALA B 14 -5.27 -17.69 -4.50
C ALA B 14 -4.65 -17.81 -3.11
N TRP B 15 -5.45 -18.18 -2.11
CA TRP B 15 -4.98 -18.29 -0.74
C TRP B 15 -5.30 -19.66 -0.16
N ALA B 16 -4.44 -20.17 0.71
CA ALA B 16 -4.70 -21.41 1.42
C ALA B 16 -5.41 -20.98 2.71
N LEU B 17 -6.08 -21.91 3.41
CA LEU B 17 -6.77 -21.64 4.67
C LEU B 17 -5.85 -20.85 5.65
N ARG B 18 -4.59 -21.27 5.81
CA ARG B 18 -3.62 -20.62 6.70
C ARG B 18 -3.41 -19.13 6.37
N GLU B 19 -3.30 -18.80 5.08
CA GLU B 19 -3.11 -17.42 4.61
C GLU B 19 -4.33 -16.56 4.87
N LEU B 20 -5.55 -17.15 4.73
CA LEU B 20 -6.82 -16.45 5.02
C LEU B 20 -6.90 -16.13 6.52
N GLN B 21 -6.52 -17.11 7.36
CA GLN B 21 -6.47 -16.99 8.84
C GLN B 21 -5.48 -15.94 9.26
N ASP B 22 -4.32 -15.90 8.58
CA ASP B 22 -3.25 -14.92 8.84
C ASP B 22 -3.67 -13.52 8.48
N ILE B 23 -4.34 -13.31 7.31
CA ILE B 23 -4.82 -11.98 6.92
C ILE B 23 -5.81 -11.51 8.00
N LYS B 24 -6.76 -12.40 8.36
CA LYS B 24 -7.77 -12.15 9.36
C LYS B 24 -7.16 -11.72 10.71
N LYS B 25 -6.16 -12.49 11.23
CA LYS B 25 -5.48 -12.18 12.50
C LYS B 25 -4.77 -10.80 12.49
N GLU B 26 -4.15 -10.44 11.34
CA GLU B 26 -3.44 -9.15 11.17
CA GLU B 26 -3.45 -9.15 11.10
C GLU B 26 -4.40 -7.95 11.19
N ILE B 27 -5.65 -8.10 10.68
CA ILE B 27 -6.60 -6.98 10.66
C ILE B 27 -7.77 -7.00 11.63
N GLU B 28 -7.81 -7.99 12.55
CA GLU B 28 -8.91 -8.11 13.53
C GLU B 28 -9.05 -6.91 14.52
N ASN B 29 -7.94 -6.21 14.82
CA ASN B 29 -7.91 -5.05 15.71
C ASN B 29 -7.95 -3.74 14.89
N LYS B 30 -8.42 -3.84 13.63
CA LYS B 30 -8.52 -2.71 12.70
C LYS B 30 -9.91 -2.60 12.12
N ALA B 31 -10.40 -1.37 12.01
CA ALA B 31 -11.74 -1.10 11.51
C ALA B 31 -11.81 -1.24 9.99
N PRO B 32 -12.86 -1.87 9.41
CA PRO B 32 -12.97 -1.91 7.94
C PRO B 32 -12.90 -0.49 7.37
N GLY B 33 -12.11 -0.30 6.31
CA GLY B 33 -11.95 1.02 5.69
C GLY B 33 -10.89 1.92 6.29
N SER B 34 -10.24 1.50 7.38
CA SER B 34 -9.16 2.26 8.04
C SER B 34 -7.87 2.05 7.21
N GLN B 35 -6.83 2.87 7.41
CA GLN B 35 -5.59 2.79 6.62
C GLN B 35 -4.88 1.44 6.61
N VAL B 36 -4.61 0.90 7.82
CA VAL B 36 -3.87 -0.36 8.02
C VAL B 36 -4.62 -1.56 7.42
N TRP B 37 -5.95 -1.58 7.60
CA TRP B 37 -6.88 -2.59 7.12
C TRP B 37 -6.80 -2.65 5.59
N ILE B 38 -6.98 -1.50 4.91
CA ILE B 38 -6.90 -1.36 3.45
C ILE B 38 -5.49 -1.72 2.94
N GLN B 39 -4.43 -1.16 3.57
CA GLN B 39 -3.03 -1.43 3.19
C GLN B 39 -2.62 -2.90 3.32
N THR B 40 -3.12 -3.60 4.36
CA THR B 40 -2.84 -5.03 4.54
C THR B 40 -3.46 -5.78 3.37
N LEU B 41 -4.71 -5.43 3.02
CA LEU B 41 -5.42 -6.09 1.92
C LEU B 41 -4.75 -5.80 0.59
N ARG B 42 -4.34 -4.54 0.36
CA ARG B 42 -3.61 -4.10 -0.84
C ARG B 42 -2.39 -4.99 -1.06
N LEU B 43 -1.58 -5.19 0.00
CA LEU B 43 -0.40 -6.04 -0.04
C LEU B 43 -0.75 -7.51 -0.34
N ALA B 44 -1.78 -8.07 0.35
CA ALA B 44 -2.25 -9.46 0.12
C ALA B 44 -2.75 -9.65 -1.32
N ILE B 45 -3.49 -8.66 -1.84
CA ILE B 45 -4.00 -8.68 -3.21
C ILE B 45 -2.85 -8.70 -4.23
N LEU B 46 -1.86 -7.81 -4.07
CA LEU B 46 -0.69 -7.74 -4.94
C LEU B 46 0.11 -9.04 -4.97
N GLN B 47 0.27 -9.68 -3.81
CA GLN B 47 1.02 -10.93 -3.68
C GLN B 47 0.32 -12.16 -4.26
N ALA B 48 -1.02 -12.26 -4.08
CA ALA B 48 -1.76 -13.45 -4.51
C ALA B 48 -2.55 -13.35 -5.80
N ASP B 49 -2.79 -12.13 -6.32
CA ASP B 49 -3.60 -11.87 -7.53
C ASP B 49 -5.00 -12.55 -7.46
N PRO B 50 -5.83 -12.22 -6.45
CA PRO B 50 -7.14 -12.88 -6.34
C PRO B 50 -8.16 -12.53 -7.42
N THR B 51 -9.04 -13.48 -7.74
CA THR B 51 -10.17 -13.30 -8.64
C THR B 51 -11.36 -12.74 -7.81
N PRO B 52 -12.48 -12.25 -8.41
CA PRO B 52 -13.63 -11.87 -7.58
C PRO B 52 -14.09 -12.97 -6.58
N ALA B 53 -13.93 -14.25 -6.95
CA ALA B 53 -14.33 -15.38 -6.11
C ALA B 53 -13.41 -15.57 -4.89
N ASP B 54 -12.10 -15.34 -5.08
CA ASP B 54 -11.12 -15.41 -3.99
C ASP B 54 -11.39 -14.31 -2.99
N LEU B 55 -11.75 -13.12 -3.51
CA LEU B 55 -12.09 -11.95 -2.71
C LEU B 55 -13.37 -12.17 -1.93
N GLU B 56 -14.37 -12.85 -2.53
CA GLU B 56 -15.63 -13.22 -1.88
C GLU B 56 -15.37 -14.20 -0.72
N GLN B 57 -14.40 -15.10 -0.90
CA GLN B 57 -14.01 -16.05 0.15
C GLN B 57 -13.32 -15.30 1.28
N LEU B 58 -12.40 -14.37 0.95
CA LEU B 58 -11.69 -13.54 1.93
C LEU B 58 -12.66 -12.72 2.81
N CSO B 59 -13.74 -12.19 2.19
N CSO B 59 -13.74 -12.19 2.19
CA CSO B 59 -14.77 -11.42 2.90
CA CSO B 59 -14.77 -11.40 2.88
CB CSO B 59 -15.93 -11.14 1.96
CB CSO B 59 -15.86 -10.98 1.87
SG CSO B 59 -15.39 -9.99 0.69
SG CSO B 59 -16.06 -9.18 1.67
C CSO B 59 -15.40 -12.18 4.06
C CSO B 59 -15.44 -12.18 4.03
O CSO B 59 -15.75 -11.58 5.07
O CSO B 59 -15.80 -11.55 5.04
OD CSO B 59 -16.69 -10.08 -0.11
OD CSO B 59 -16.68 -9.32 0.29
N GLN B 60 -15.56 -13.52 3.90
CA GLN B 60 -16.13 -14.41 4.93
C GLN B 60 -15.29 -14.40 6.22
N TYR B 61 -13.98 -14.13 6.11
CA TYR B 61 -13.03 -14.07 7.21
C TYR B 61 -12.99 -12.69 7.87
N ILE B 62 -12.97 -11.64 7.06
CA ILE B 62 -12.73 -10.25 7.49
C ILE B 62 -13.96 -9.32 7.70
N ALA B 63 -15.09 -9.61 7.07
CA ALA B 63 -16.25 -8.73 7.17
C ALA B 63 -17.55 -9.41 7.64
N SER B 64 -18.27 -8.70 8.49
CA SER B 64 -19.58 -9.12 8.97
C SER B 64 -20.56 -8.99 7.80
N PRO B 65 -21.67 -9.77 7.75
CA PRO B 65 -22.62 -9.64 6.62
C PRO B 65 -23.09 -8.20 6.34
N VAL B 66 -23.28 -7.38 7.38
CA VAL B 66 -23.69 -5.97 7.28
C VAL B 66 -22.64 -5.14 6.50
N ASP B 67 -21.34 -5.40 6.74
CA ASP B 67 -20.23 -4.75 6.05
C ASP B 67 -20.07 -5.27 4.62
N GLN B 68 -20.30 -6.57 4.38
CA GLN B 68 -20.21 -7.18 3.04
C GLN B 68 -21.26 -6.53 2.13
N THR B 69 -22.49 -6.41 2.63
CA THR B 69 -23.64 -5.78 1.96
C THR B 69 -23.33 -4.32 1.60
N ALA B 70 -22.88 -3.50 2.57
CA ALA B 70 -22.50 -2.09 2.35
C ALA B 70 -21.33 -2.02 1.35
N HIS B 71 -20.34 -2.93 1.48
CA HIS B 71 -19.22 -2.95 0.55
C HIS B 71 -19.67 -3.28 -0.88
N MET B 72 -20.55 -4.30 -1.06
CA MET B 72 -20.98 -4.69 -2.40
C MET B 72 -21.88 -3.65 -3.08
N THR B 73 -22.61 -2.85 -2.30
CA THR B 73 -23.42 -1.77 -2.81
C THR B 73 -22.47 -0.67 -3.33
N SER B 74 -21.42 -0.40 -2.55
CA SER B 74 -20.40 0.58 -2.86
C SER B 74 -19.56 0.16 -4.09
N LEU B 75 -19.20 -1.13 -4.18
CA LEU B 75 -18.45 -1.69 -5.29
C LEU B 75 -19.27 -1.65 -6.59
N THR B 76 -20.58 -1.97 -6.54
CA THR B 76 -21.50 -1.92 -7.69
C THR B 76 -21.54 -0.49 -8.30
N ALA B 77 -21.66 0.53 -7.43
CA ALA B 77 -21.68 1.93 -7.84
C ALA B 77 -20.32 2.34 -8.46
N ALA B 78 -19.20 1.89 -7.84
CA ALA B 78 -17.85 2.16 -8.34
C ALA B 78 -17.57 1.55 -9.70
N ILE B 79 -18.05 0.31 -9.98
CA ILE B 79 -17.90 -0.36 -11.27
C ILE B 79 -18.64 0.50 -12.30
N ALA B 80 -19.92 0.84 -12.01
CA ALA B 80 -20.74 1.71 -12.88
C ALA B 80 -20.01 3.06 -13.13
N ALA B 81 -19.50 3.72 -12.06
CA ALA B 81 -18.77 4.99 -12.17
C ALA B 81 -17.49 4.87 -13.03
N ALA B 82 -16.73 3.76 -12.89
CA ALA B 82 -15.50 3.52 -13.66
C ALA B 82 -15.82 3.31 -15.15
N GLU B 83 -16.89 2.53 -15.43
CA GLU B 83 -17.38 2.26 -16.79
C GLU B 83 -17.74 3.59 -17.49
N ALA B 84 -18.57 4.43 -16.80
CA ALA B 84 -19.06 5.73 -17.28
C ALA B 84 -17.92 6.73 -17.50
N ALA B 85 -16.86 6.63 -16.68
CA ALA B 85 -15.69 7.51 -16.71
C ALA B 85 -14.62 7.05 -17.68
N ASN B 86 -14.80 5.85 -18.27
CA ASN B 86 -13.88 5.22 -19.23
C ASN B 86 -12.49 4.91 -18.60
N THR B 87 -12.46 4.64 -17.29
CA THR B 87 -11.20 4.35 -16.61
C THR B 87 -10.81 2.86 -16.71
N LEU B 88 -11.73 2.01 -17.22
CA LEU B 88 -11.50 0.59 -17.43
C LEU B 88 -10.88 0.26 -18.80
N GLN B 89 -9.61 -0.15 -18.77
CA GLN B 89 -8.83 -0.53 -19.94
C GLN B 89 -9.16 -1.96 -20.30
N GLY B 90 -9.50 -2.19 -21.57
CA GLY B 90 -9.82 -3.50 -22.10
C GLY B 90 -11.14 -4.07 -21.68
N PHE B 91 -12.06 -3.23 -21.20
CA PHE B 91 -13.38 -3.70 -20.80
C PHE B 91 -14.40 -3.34 -21.85
N ASN B 92 -15.24 -4.31 -22.18
CA ASN B 92 -16.34 -4.13 -23.09
C ASN B 92 -17.44 -5.03 -22.59
N PRO B 93 -18.61 -4.46 -22.20
CA PRO B 93 -19.71 -5.31 -21.74
C PRO B 93 -20.33 -6.12 -22.87
N GLN B 94 -21.47 -6.79 -22.61
CA GLN B 94 -22.19 -7.67 -23.55
C GLN B 94 -21.41 -9.00 -23.78
N ASN B 95 -20.20 -9.07 -23.20
CA ASN B 95 -19.24 -10.18 -23.15
C ASN B 95 -19.03 -10.57 -21.67
N GLY B 96 -19.93 -10.06 -20.81
CA GLY B 96 -19.92 -10.27 -19.37
C GLY B 96 -19.58 -9.01 -18.58
N THR B 97 -20.03 -8.99 -17.31
CA THR B 97 -19.80 -7.91 -16.33
C THR B 97 -18.31 -7.94 -15.95
N LEU B 98 -17.77 -6.85 -15.36
CA LEU B 98 -16.36 -6.82 -14.92
C LEU B 98 -16.01 -8.01 -14.00
N THR B 99 -16.98 -8.42 -13.15
CA THR B 99 -16.89 -9.55 -12.21
C THR B 99 -16.68 -10.86 -12.97
N GLN B 100 -17.57 -11.15 -13.95
CA GLN B 100 -17.53 -12.36 -14.79
C GLN B 100 -16.25 -12.43 -15.63
N GLN B 101 -15.81 -11.28 -16.19
CA GLN B 101 -14.62 -11.17 -17.03
C GLN B 101 -13.31 -11.31 -16.26
N SER B 102 -13.24 -10.76 -15.03
CA SER B 102 -12.04 -10.85 -14.16
C SER B 102 -11.77 -12.28 -13.63
N ALA B 103 -12.79 -13.15 -13.67
CA ALA B 103 -12.73 -14.54 -13.19
C ALA B 103 -11.81 -15.48 -13.99
N GLN B 104 -11.52 -15.15 -15.26
CA GLN B 104 -10.68 -15.98 -16.14
C GLN B 104 -9.17 -15.71 -15.98
N PRO B 105 -8.33 -16.78 -15.84
CA PRO B 105 -6.88 -16.57 -15.60
C PRO B 105 -6.11 -15.62 -16.52
N ASN B 106 -6.38 -15.65 -17.82
CA ASN B 106 -5.71 -14.80 -18.81
C ASN B 106 -6.09 -13.30 -18.73
N ALA B 107 -7.21 -12.98 -18.04
CA ALA B 107 -7.76 -11.62 -17.88
C ALA B 107 -7.16 -10.80 -16.71
N GLY B 108 -5.84 -10.90 -16.55
CA GLY B 108 -5.06 -10.24 -15.51
C GLY B 108 -5.22 -8.74 -15.37
N ASP B 109 -5.41 -8.03 -16.49
CA ASP B 109 -5.57 -6.58 -16.49
C ASP B 109 -6.94 -6.12 -15.98
N LEU B 110 -8.00 -6.87 -16.33
CA LEU B 110 -9.35 -6.58 -15.83
C LEU B 110 -9.42 -6.89 -14.32
N ARG B 111 -8.84 -8.04 -13.92
CA ARG B 111 -8.74 -8.53 -12.54
C ARG B 111 -8.05 -7.53 -11.63
N SER B 112 -6.98 -6.90 -12.13
CA SER B 112 -6.21 -5.87 -11.43
C SER B 112 -7.06 -4.62 -11.19
N GLN B 113 -7.93 -4.29 -12.16
CA GLN B 113 -8.83 -3.15 -12.05
C GLN B 113 -9.95 -3.44 -11.04
N TYR B 114 -10.53 -4.66 -11.09
CA TYR B 114 -11.56 -5.12 -10.16
C TYR B 114 -11.02 -5.02 -8.71
N GLN B 115 -9.80 -5.55 -8.48
CA GLN B 115 -9.13 -5.55 -7.20
C GLN B 115 -8.96 -4.15 -6.64
N ASN B 116 -8.62 -3.17 -7.52
CA ASN B 116 -8.45 -1.80 -7.08
C ASN B 116 -9.79 -1.22 -6.64
N LEU B 117 -10.83 -1.42 -7.45
CA LEU B 117 -12.18 -0.95 -7.14
C LEU B 117 -12.74 -1.65 -5.88
N TRP B 118 -12.48 -2.96 -5.71
CA TRP B 118 -12.90 -3.76 -4.56
C TRP B 118 -12.28 -3.15 -3.31
N LEU B 119 -11.00 -2.76 -3.41
CA LEU B 119 -10.28 -2.14 -2.30
C LEU B 119 -10.77 -0.73 -1.95
N GLN B 120 -10.93 0.16 -2.96
CA GLN B 120 -11.41 1.55 -2.76
C GLN B 120 -12.83 1.58 -2.17
N ALA B 121 -13.68 0.59 -2.53
CA ALA B 121 -15.06 0.51 -2.05
C ALA B 121 -15.18 0.36 -0.53
N TRP B 122 -14.11 -0.14 0.12
CA TRP B 122 -14.06 -0.29 1.58
C TRP B 122 -13.93 1.06 2.25
N LYS B 123 -13.31 2.06 1.56
CA LYS B 123 -13.17 3.42 2.11
C LYS B 123 -14.53 4.12 2.14
N ASN B 124 -15.31 3.92 1.06
CA ASN B 124 -16.60 4.55 0.81
C ASN B 124 -17.81 3.84 1.47
N LEU B 125 -17.70 3.50 2.77
CA LEU B 125 -18.78 2.82 3.49
C LEU B 125 -19.66 3.82 4.27
N PRO B 126 -21.00 3.83 4.03
CA PRO B 126 -21.87 4.75 4.80
C PRO B 126 -21.89 4.45 6.31
I IOD C . 14.59 30.45 7.63
I IOD C . 15.81 30.00 7.92
I IOD D . 7.30 24.57 2.62
I IOD E . 3.54 1.65 -6.57
I IOD F . 18.48 -10.89 7.86
I IOD F . 19.51 -10.38 9.28
I IOD G . 6.13 -3.58 10.97
I IOD H . -0.95 -0.62 13.60
I IOD H . -0.61 -2.24 13.48
I IOD I . 16.49 17.56 4.58
I IOD J . 17.73 13.09 -8.71
I IOD K . 22.25 2.71 10.63
I IOD L . 22.50 -1.84 10.95
I IOD M . 4.05 6.58 3.47
I IOD N . 4.26 18.49 13.08
I IOD O . 9.28 -9.08 17.19
I IOD P . 11.41 26.46 2.77
I IOD Q . 4.61 26.53 10.23
I IOD R . -0.67 5.14 3.88
I IOD S . 26.83 6.89 -11.41
I IOD T . 4.18 14.60 1.22
I IOD U . 2.81 4.64 -2.47
I IOD U . 1.45 4.56 -3.44
I IOD V . 19.68 17.13 7.82
I IOD W . 6.67 -8.31 6.58
I IOD X . 6.02 -3.22 -10.68
I IOD Y . 15.93 23.53 5.10
I IOD Z . 1.34 12.92 4.44
I IOD AA . 0.05 16.32 6.65
I IOD BA . 9.81 -7.30 -9.33
I IOD CA . 4.27 -11.07 -5.72
I IOD CA . 4.96 -11.86 -3.32
I IOD DA . 24.03 9.64 -0.20
I IOD EA . 22.39 13.37 -1.05
I IOD FA . 9.34 16.27 21.12
I IOD GA . 5.50 -6.22 -8.30
C1 GOL HA . 19.70 10.91 8.04
O1 GOL HA . 19.12 10.33 6.87
C2 GOL HA . 18.92 10.60 9.29
O2 GOL HA . 19.34 9.34 9.82
C3 GOL HA . 19.14 11.65 10.35
O3 GOL HA . 18.37 11.39 11.51
I IOD IA . -22.61 3.71 -2.20
I IOD JA . -6.09 4.46 3.01
I IOD KA . -5.11 -3.23 -5.15
I IOD LA . -8.76 1.39 13.56
I IOD MA . -1.05 -13.30 0.74
I IOD NA . -9.92 -17.83 11.65
I IOD OA . -22.51 6.53 -12.85
I IOD OA . -23.52 5.49 -14.56
I IOD PA . -20.10 -6.05 -12.02
I IOD QA . -13.63 6.44 -11.78
I IOD RA . -25.51 -4.36 -5.05
I IOD SA . -4.88 3.22 -1.38
I IOD TA . -26.26 -1.14 2.06
I IOD UA . -0.06 -21.90 3.65
I IOD VA . -9.26 1.07 -11.95
I IOD WA . -5.44 -1.24 -12.01
I IOD XA . -5.37 2.74 10.89
I IOD YA . -27.04 -8.07 5.98
I IOD ZA . -3.58 -24.72 4.91
#